data_8VGG
#
_entry.id   8VGG
#
_cell.length_a   115.494
_cell.length_b   115.494
_cell.length_c   136.039
_cell.angle_alpha   90.000
_cell.angle_beta   90.000
_cell.angle_gamma   120.000
#
_symmetry.space_group_name_H-M   'P 61 2 2'
#
loop_
_entity.id
_entity.type
_entity.pdbx_description
1 polymer 'Fab E104.v1.6DS light chain'
2 polymer 'Fab E104.v1.6DS heavy chain'
3 water water
#
loop_
_entity_poly.entity_id
_entity_poly.type
_entity_poly.pdbx_seq_one_letter_code
_entity_poly.pdbx_strand_id
1 'polypeptide(L)'
;DIQMTQSPSSLSASVGDRVTITCQSIKSVYNNRLGWYQQKCGKAPKLLIYETSILTSGVPSRFSGSGSGTDFTLTISSLQ
CEDFATYYCAGGFDRSGDTTFGQGTKVEIKRTVAAPSVCIFPPSDECLKSGTASVVCLLNNFYPREAKVQWKVDNALQSG
NSQESVTCQDSKDCTYSLSSTLTLSKADYEKHKVYACEVTHQGLSSPVTKSFNRGEC
;
L
2 'polypeptide(L)'
;EVQLVESGPGCVKPSETLSLTCTVSRFSLIGYAITWIRQPPGKGLEWIGGISSAATTFYSSWAKSRVTISVDTSKNQFSL
KLSSVTAADTAVYYCARDPRGYGAALDRLDLWGQGTCVTVSSFSTKGPSVCPLAPSSKSTSGGTACLGCLVKDYFCECPV
TVSWNSGALTSGVHTFPAVLQSSGLYSLSSVVTVPSSSLGTQTYICNVNHKPSNTKVDKKVEPKSCDKTHTHHHHHHP
;
H
#
# COMPACT_ATOMS: atom_id res chain seq x y z
N GLN A 3 18.66 -3.01 10.30
CA GLN A 3 19.95 -3.28 10.92
C GLN A 3 21.07 -3.34 9.89
N MET A 4 20.73 -3.68 8.65
CA MET A 4 21.66 -3.67 7.54
C MET A 4 21.55 -2.36 6.79
N THR A 5 22.68 -1.81 6.38
CA THR A 5 22.68 -0.54 5.68
C THR A 5 22.39 -0.75 4.21
N GLN A 6 21.58 0.14 3.63
CA GLN A 6 21.34 0.15 2.20
C GLN A 6 21.75 1.49 1.62
N SER A 7 22.15 1.49 0.35
CA SER A 7 22.61 2.70 -0.29
C SER A 7 22.26 2.69 -1.78
N PRO A 8 21.72 3.80 -2.29
CA PRO A 8 21.36 5.03 -1.58
C PRO A 8 20.03 4.88 -0.86
N SER A 9 19.57 5.91 -0.13
CA SER A 9 18.25 5.84 0.49
C SER A 9 17.15 5.92 -0.58
N SER A 10 17.35 6.73 -1.60
CA SER A 10 16.46 6.79 -2.75
C SER A 10 17.28 7.23 -3.96
N LEU A 11 16.84 6.79 -5.14
CA LEU A 11 17.52 7.13 -6.37
C LEU A 11 16.49 7.38 -7.47
N SER A 12 16.96 7.98 -8.57
CA SER A 12 16.13 8.22 -9.74
C SER A 12 16.96 8.01 -10.99
N ALA A 13 16.32 7.47 -12.03
CA ALA A 13 16.97 7.25 -13.32
C ALA A 13 15.90 7.25 -14.40
N SER A 14 16.33 7.09 -15.65
CA SER A 14 15.43 7.08 -16.78
C SER A 14 15.19 5.65 -17.27
N VAL A 15 14.13 5.49 -18.06
CA VAL A 15 13.77 4.18 -18.62
C VAL A 15 14.93 3.67 -19.47
N GLY A 16 15.43 2.48 -19.13
CA GLY A 16 16.55 1.89 -19.83
C GLY A 16 17.89 2.05 -19.17
N ASP A 17 17.96 2.87 -18.11
CA ASP A 17 19.22 3.07 -17.40
C ASP A 17 19.55 1.87 -16.53
N ARG A 18 20.84 1.75 -16.20
CA ARG A 18 21.34 0.73 -15.28
C ARG A 18 21.51 1.35 -13.91
N VAL A 19 20.93 0.72 -12.90
CA VAL A 19 20.97 1.22 -11.53
C VAL A 19 21.44 0.13 -10.59
N THR A 20 22.04 0.55 -9.49
CA THR A 20 22.67 -0.36 -8.53
C THR A 20 22.29 0.04 -7.11
N ILE A 21 21.91 -0.94 -6.29
CA ILE A 21 21.59 -0.73 -4.89
C ILE A 21 22.51 -1.63 -4.06
N THR A 22 23.23 -1.03 -3.12
CA THR A 22 24.17 -1.77 -2.28
C THR A 22 23.58 -2.07 -0.91
N CYS A 23 23.97 -3.21 -0.36
CA CYS A 23 23.53 -3.67 0.95
C CYS A 23 24.77 -4.11 1.73
N GLN A 24 24.97 -3.50 2.90
CA GLN A 24 26.16 -3.72 3.71
C GLN A 24 25.75 -4.19 5.10
N SER A 25 26.59 -5.04 5.68
CA SER A 25 26.31 -5.64 6.98
C SER A 25 27.58 -5.62 7.82
N ILE A 26 27.39 -5.67 9.15
CA ILE A 26 28.53 -5.74 10.05
C ILE A 26 29.08 -7.16 10.09
N LYS A 27 28.22 -8.14 10.36
CA LYS A 27 28.62 -9.54 10.37
C LYS A 27 28.55 -10.12 8.96
N SER A 28 29.27 -11.22 8.76
CA SER A 28 29.24 -11.93 7.49
C SER A 28 27.98 -12.78 7.39
N VAL A 29 27.47 -12.91 6.17
CA VAL A 29 26.24 -13.64 5.93
C VAL A 29 26.50 -15.14 5.99
N TYR A 30 25.65 -15.86 6.72
CA TYR A 30 25.80 -17.31 6.86
C TYR A 30 25.23 -18.04 5.65
N ASN A 31 26.06 -18.88 5.03
CA ASN A 31 25.64 -19.77 3.95
C ASN A 31 24.88 -19.01 2.84
N ASN A 32 25.42 -17.86 2.47
CA ASN A 32 24.93 -17.08 1.32
C ASN A 32 23.46 -16.70 1.48
N ARG A 33 22.98 -16.59 2.72
CA ARG A 33 21.58 -16.23 2.98
C ARG A 33 21.42 -14.71 2.89
N LEU A 34 21.29 -14.23 1.65
CA LEU A 34 21.05 -12.82 1.39
C LEU A 34 20.02 -12.72 0.27
N GLY A 35 18.93 -12.00 0.52
CA GLY A 35 17.84 -11.90 -0.43
C GLY A 35 17.45 -10.45 -0.68
N TRP A 36 16.87 -10.24 -1.86
CA TRP A 36 16.40 -8.95 -2.32
C TRP A 36 14.91 -9.02 -2.61
N TYR A 37 14.14 -8.15 -1.95
CA TYR A 37 12.70 -8.05 -2.10
C TYR A 37 12.32 -6.70 -2.70
N GLN A 38 11.25 -6.70 -3.49
CA GLN A 38 10.70 -5.51 -4.10
C GLN A 38 9.27 -5.30 -3.60
N GLN A 39 8.99 -4.10 -3.08
CA GLN A 39 7.68 -3.77 -2.56
C GLN A 39 7.10 -2.59 -3.33
N LYS A 40 6.01 -2.83 -4.03
CA LYS A 40 5.28 -1.78 -4.72
C LYS A 40 4.17 -1.25 -3.80
N CYS A 41 3.63 -0.08 -4.18
CA CYS A 41 2.73 0.65 -3.29
C CYS A 41 1.47 -0.15 -2.99
N GLY A 42 1.14 -0.23 -1.69
CA GLY A 42 -0.02 -0.98 -1.27
C GLY A 42 0.06 -2.47 -1.53
N LYS A 43 1.26 -3.03 -1.54
CA LYS A 43 1.46 -4.44 -1.85
C LYS A 43 2.48 -5.04 -0.91
N ALA A 44 2.36 -6.35 -0.70
CA ALA A 44 3.34 -7.07 0.10
C ALA A 44 4.67 -7.15 -0.66
N PRO A 45 5.79 -7.23 0.06
CA PRO A 45 7.09 -7.39 -0.61
C PRO A 45 7.13 -8.69 -1.40
N LYS A 46 7.82 -8.64 -2.54
CA LYS A 46 7.96 -9.78 -3.43
C LYS A 46 9.43 -10.17 -3.53
N LEU A 47 9.71 -11.45 -3.27
CA LEU A 47 11.08 -11.96 -3.34
C LEU A 47 11.57 -11.95 -4.78
N LEU A 48 12.55 -11.10 -5.08
CA LEU A 48 13.16 -11.09 -6.39
C LEU A 48 14.39 -11.98 -6.46
N ILE A 49 15.32 -11.82 -5.52
CA ILE A 49 16.58 -12.57 -5.53
C ILE A 49 16.70 -13.31 -4.20
N TYR A 50 17.11 -14.57 -4.26
CA TYR A 50 17.38 -15.33 -3.04
C TYR A 50 18.73 -16.02 -3.16
N GLU A 51 19.36 -16.19 -2.00
CA GLU A 51 20.72 -16.75 -1.89
C GLU A 51 21.69 -15.99 -2.78
N THR A 52 21.74 -14.68 -2.54
CA THR A 52 22.69 -13.73 -3.14
C THR A 52 22.43 -13.45 -4.62
N SER A 53 22.24 -14.49 -5.44
CA SER A 53 22.29 -14.28 -6.88
C SER A 53 21.35 -15.17 -7.69
N ILE A 54 20.38 -15.84 -7.07
CA ILE A 54 19.44 -16.70 -7.80
C ILE A 54 18.13 -15.95 -7.98
N LEU A 55 17.67 -15.86 -9.23
CA LEU A 55 16.44 -15.15 -9.56
C LEU A 55 15.22 -16.02 -9.25
N THR A 56 14.22 -15.41 -8.62
CA THR A 56 12.93 -16.06 -8.48
C THR A 56 12.29 -16.23 -9.84
N SER A 57 11.65 -17.39 -10.05
CA SER A 57 10.99 -17.66 -11.33
C SER A 57 9.97 -16.58 -11.65
N GLY A 58 10.00 -16.13 -12.90
CA GLY A 58 9.13 -15.07 -13.36
C GLY A 58 9.74 -13.68 -13.28
N VAL A 59 10.71 -13.47 -12.41
CA VAL A 59 11.36 -12.16 -12.31
C VAL A 59 12.19 -11.91 -13.57
N PRO A 60 12.06 -10.75 -14.22
CA PRO A 60 12.82 -10.52 -15.45
C PRO A 60 14.32 -10.58 -15.22
N SER A 61 15.04 -11.03 -16.24
CA SER A 61 16.49 -11.14 -16.18
C SER A 61 17.18 -9.78 -16.04
N ARG A 62 16.43 -8.69 -16.16
CA ARG A 62 17.01 -7.35 -15.94
C ARG A 62 17.53 -7.21 -14.52
N PHE A 63 16.97 -7.95 -13.58
CA PHE A 63 17.42 -7.94 -12.18
C PHE A 63 18.52 -8.98 -12.00
N SER A 64 19.55 -8.59 -11.24
CA SER A 64 20.61 -9.54 -10.89
C SER A 64 21.17 -9.18 -9.53
N GLY A 65 21.80 -10.16 -8.89
CA GLY A 65 22.41 -9.95 -7.59
C GLY A 65 23.84 -10.47 -7.56
N SER A 66 24.66 -9.80 -6.76
CA SER A 66 26.06 -10.17 -6.63
C SER A 66 26.55 -9.78 -5.24
N GLY A 67 27.79 -10.12 -4.95
CA GLY A 67 28.41 -9.80 -3.68
C GLY A 67 28.63 -11.04 -2.83
N SER A 68 29.23 -10.81 -1.68
CA SER A 68 29.53 -11.87 -0.72
C SER A 68 29.88 -11.23 0.62
N GLY A 69 30.04 -12.09 1.63
CA GLY A 69 30.42 -11.67 2.96
C GLY A 69 29.52 -10.61 3.58
N THR A 70 29.94 -9.35 3.47
CA THR A 70 29.20 -8.23 4.04
C THR A 70 28.77 -7.21 3.01
N ASP A 71 29.08 -7.42 1.73
CA ASP A 71 28.79 -6.44 0.68
C ASP A 71 28.03 -7.12 -0.44
N PHE A 72 26.83 -6.63 -0.72
CA PHE A 72 25.97 -7.21 -1.75
C PHE A 72 25.39 -6.11 -2.63
N THR A 73 24.98 -6.49 -3.83
CA THR A 73 24.55 -5.54 -4.85
C THR A 73 23.39 -6.10 -5.64
N LEU A 74 22.34 -5.29 -5.79
CA LEU A 74 21.23 -5.58 -6.70
C LEU A 74 21.31 -4.63 -7.88
N THR A 75 21.30 -5.17 -9.09
CA THR A 75 21.45 -4.40 -10.31
C THR A 75 20.21 -4.55 -11.18
N ILE A 76 19.67 -3.42 -11.62
CA ILE A 76 18.59 -3.38 -12.61
C ILE A 76 19.19 -2.80 -13.89
N SER A 77 19.35 -3.65 -14.91
CA SER A 77 20.10 -3.26 -16.10
C SER A 77 19.31 -2.32 -17.00
N SER A 78 18.01 -2.58 -17.18
CA SER A 78 17.15 -1.77 -18.05
C SER A 78 15.94 -1.35 -17.22
N LEU A 79 16.06 -0.19 -16.57
CA LEU A 79 15.02 0.28 -15.67
C LEU A 79 13.72 0.53 -16.43
N GLN A 80 12.61 0.08 -15.85
CA GLN A 80 11.29 0.22 -16.44
C GLN A 80 10.35 0.92 -15.46
N CYS A 81 9.21 1.36 -15.97
CA CYS A 81 8.22 2.03 -15.13
C CYS A 81 7.65 1.08 -14.09
N GLU A 82 7.53 -0.21 -14.43
CA GLU A 82 7.02 -1.19 -13.48
C GLU A 82 8.01 -1.47 -12.34
N ASP A 83 9.26 -1.02 -12.45
CA ASP A 83 10.24 -1.24 -11.41
C ASP A 83 10.14 -0.21 -10.28
N PHE A 84 9.20 0.72 -10.35
CA PHE A 84 8.99 1.67 -9.27
C PHE A 84 8.60 0.94 -8.00
N ALA A 85 9.47 0.98 -6.99
CA ALA A 85 9.22 0.27 -5.74
C ALA A 85 10.27 0.67 -4.72
N THR A 86 10.07 0.17 -3.50
CA THR A 86 11.09 0.21 -2.46
C THR A 86 11.71 -1.18 -2.37
N TYR A 87 13.03 -1.23 -2.46
CA TYR A 87 13.78 -2.49 -2.46
C TYR A 87 14.45 -2.69 -1.10
N TYR A 88 14.30 -3.89 -0.56
CA TYR A 88 14.89 -4.25 0.72
C TYR A 88 15.83 -5.42 0.54
N CYS A 89 16.90 -5.44 1.34
CA CYS A 89 17.73 -6.62 1.48
C CYS A 89 17.47 -7.26 2.85
N ALA A 90 17.54 -8.58 2.88
CA ALA A 90 17.32 -9.35 4.09
C ALA A 90 18.41 -10.41 4.22
N GLY A 91 19.00 -10.49 5.40
CA GLY A 91 20.14 -11.38 5.61
C GLY A 91 19.99 -12.17 6.89
N GLY A 92 20.55 -13.38 6.86
CA GLY A 92 20.69 -14.21 8.04
C GLY A 92 22.15 -14.43 8.39
N PHE A 93 22.50 -14.25 9.66
CA PHE A 93 23.89 -14.35 10.08
C PHE A 93 24.18 -15.58 10.92
N ASP A 94 23.15 -16.27 11.41
CA ASP A 94 23.27 -17.62 11.96
C ASP A 94 21.92 -18.31 11.83
N ARG A 95 21.76 -19.43 12.53
CA ARG A 95 20.50 -20.16 12.53
CA ARG A 95 20.52 -20.19 12.54
C ARG A 95 19.82 -20.12 13.91
N SER A 96 20.21 -19.18 14.76
CA SER A 96 19.63 -19.03 16.08
C SER A 96 18.68 -17.85 16.19
N GLY A 97 18.55 -17.05 15.15
CA GLY A 97 17.63 -15.93 15.17
C GLY A 97 18.25 -14.60 14.83
N ASP A 98 19.49 -14.61 14.32
CA ASP A 98 20.17 -13.39 13.91
C ASP A 98 19.88 -13.17 12.44
N THR A 99 18.73 -12.54 12.16
CA THR A 99 18.33 -12.23 10.79
C THR A 99 17.61 -10.89 10.80
N THR A 100 17.77 -10.12 9.72
CA THR A 100 17.23 -8.77 9.72
C THR A 100 17.09 -8.26 8.29
N PHE A 101 16.29 -7.21 8.15
CA PHE A 101 16.06 -6.53 6.89
C PHE A 101 16.99 -5.33 6.73
N GLY A 102 17.10 -4.86 5.49
CA GLY A 102 17.72 -3.58 5.23
C GLY A 102 16.75 -2.43 5.39
N GLN A 103 17.29 -1.22 5.50
CA GLN A 103 16.45 -0.06 5.75
C GLN A 103 15.59 0.32 4.54
N GLY A 104 15.95 -0.14 3.35
CA GLY A 104 15.15 0.09 2.17
C GLY A 104 15.74 1.15 1.26
N THR A 105 15.33 1.11 -0.01
CA THR A 105 15.80 2.06 -1.01
C THR A 105 14.68 2.30 -2.01
N LYS A 106 14.23 3.55 -2.11
CA LYS A 106 13.17 3.90 -3.05
C LYS A 106 13.76 4.12 -4.44
N VAL A 107 13.04 3.66 -5.46
CA VAL A 107 13.47 3.81 -6.85
C VAL A 107 12.38 4.53 -7.62
N GLU A 108 12.70 5.72 -8.13
CA GLU A 108 11.83 6.48 -9.01
C GLU A 108 12.38 6.45 -10.43
N ILE A 109 11.49 6.59 -11.41
CA ILE A 109 11.86 6.57 -12.81
C ILE A 109 11.51 7.92 -13.43
N LYS A 110 12.44 8.50 -14.17
CA LYS A 110 12.22 9.77 -14.84
C LYS A 110 11.72 9.54 -16.27
N ARG A 111 10.77 10.36 -16.69
CA ARG A 111 10.24 10.33 -18.04
C ARG A 111 9.97 11.76 -18.49
N THR A 112 9.49 11.90 -19.71
CA THR A 112 9.18 13.22 -20.25
C THR A 112 7.99 13.84 -19.52
N VAL A 113 7.83 15.15 -19.70
CA VAL A 113 6.70 15.85 -19.10
C VAL A 113 5.41 15.38 -19.73
N ALA A 114 4.39 15.19 -18.90
CA ALA A 114 3.06 14.77 -19.37
C ALA A 114 2.01 15.59 -18.68
N ALA A 115 1.12 16.21 -19.47
CA ALA A 115 0.07 17.06 -18.92
C ALA A 115 -1.10 16.21 -18.43
N PRO A 116 -1.73 16.59 -17.32
CA PRO A 116 -2.83 15.80 -16.78
C PRO A 116 -4.14 16.02 -17.53
N SER A 117 -5.05 15.08 -17.35
CA SER A 117 -6.43 15.23 -17.80
C SER A 117 -7.30 15.49 -16.59
N VAL A 118 -8.14 16.53 -16.66
CA VAL A 118 -8.87 17.03 -15.51
C VAL A 118 -10.33 16.58 -15.63
N CYS A 119 -10.80 15.85 -14.62
CA CYS A 119 -12.20 15.49 -14.47
C CYS A 119 -12.73 16.16 -13.21
N ILE A 120 -14.04 16.44 -13.20
CA ILE A 120 -14.68 17.05 -12.04
C ILE A 120 -15.98 16.31 -11.75
N PHE A 121 -16.26 16.11 -10.46
CA PHE A 121 -17.39 15.30 -10.01
C PHE A 121 -18.18 16.11 -8.99
N PRO A 122 -19.45 16.42 -9.26
CA PRO A 122 -20.30 17.05 -8.25
C PRO A 122 -20.72 16.04 -7.20
N PRO A 123 -21.17 16.51 -6.03
CA PRO A 123 -21.59 15.57 -4.99
C PRO A 123 -22.85 14.82 -5.38
N SER A 124 -22.89 13.54 -5.03
CA SER A 124 -24.07 12.72 -5.31
C SER A 124 -25.21 13.10 -4.38
N ASP A 125 -26.43 13.06 -4.91
CA ASP A 125 -27.60 13.40 -4.10
C ASP A 125 -27.80 12.44 -2.94
N GLU A 126 -27.28 11.21 -3.03
CA GLU A 126 -27.35 10.30 -1.90
C GLU A 126 -26.50 10.78 -0.74
N CYS A 127 -25.27 11.23 -1.01
CA CYS A 127 -24.42 11.78 0.03
C CYS A 127 -24.70 13.24 0.33
N LEU A 128 -25.55 13.89 -0.46
CA LEU A 128 -26.05 15.22 -0.11
C LEU A 128 -27.14 15.16 0.95
N LYS A 129 -27.70 13.98 1.22
CA LYS A 129 -28.68 13.82 2.28
C LYS A 129 -28.07 14.02 3.66
N SER A 130 -26.75 13.81 3.80
CA SER A 130 -26.07 14.16 5.03
C SER A 130 -25.72 15.65 4.98
N GLY A 131 -24.94 16.11 5.95
CA GLY A 131 -24.60 17.52 6.05
C GLY A 131 -23.43 17.98 5.20
N THR A 132 -22.67 17.07 4.60
CA THR A 132 -21.44 17.41 3.89
C THR A 132 -21.60 17.14 2.40
N ALA A 133 -21.18 18.11 1.58
CA ALA A 133 -21.03 17.94 0.15
C ALA A 133 -19.55 17.86 -0.19
N SER A 134 -19.20 16.99 -1.12
CA SER A 134 -17.80 16.75 -1.49
C SER A 134 -17.68 16.76 -3.01
N VAL A 135 -16.95 17.75 -3.52
CA VAL A 135 -16.65 17.85 -4.94
C VAL A 135 -15.29 17.23 -5.19
N VAL A 136 -15.16 16.46 -6.27
CA VAL A 136 -13.96 15.67 -6.51
C VAL A 136 -13.31 16.09 -7.81
N CYS A 137 -12.10 16.62 -7.74
CA CYS A 137 -11.29 16.92 -8.92
C CYS A 137 -10.25 15.83 -9.11
N LEU A 138 -10.03 15.46 -10.37
CA LEU A 138 -9.19 14.33 -10.73
C LEU A 138 -8.17 14.79 -11.77
N LEU A 139 -6.90 14.59 -11.47
CA LEU A 139 -5.79 14.86 -12.38
C LEU A 139 -5.21 13.52 -12.80
N ASN A 140 -5.44 13.11 -14.05
CA ASN A 140 -5.11 11.77 -14.50
C ASN A 140 -3.90 11.80 -15.42
N ASN A 141 -2.95 10.91 -15.16
CA ASN A 141 -1.80 10.62 -16.02
C ASN A 141 -1.00 11.89 -16.31
N PHE A 142 -0.20 12.29 -15.33
CA PHE A 142 0.67 13.46 -15.48
C PHE A 142 2.03 13.17 -14.87
N TYR A 143 3.05 13.83 -15.43
CA TYR A 143 4.42 13.77 -14.93
C TYR A 143 5.05 15.11 -15.24
N PRO A 144 5.83 15.70 -14.31
CA PRO A 144 6.21 15.18 -12.98
C PRO A 144 5.10 15.25 -11.94
N ARG A 145 5.44 14.93 -10.69
CA ARG A 145 4.44 14.83 -9.62
C ARG A 145 3.89 16.19 -9.22
N GLU A 146 4.72 17.23 -9.25
CA GLU A 146 4.31 18.54 -8.74
C GLU A 146 3.14 19.10 -9.55
N ALA A 147 2.01 19.31 -8.88
CA ALA A 147 0.81 19.85 -9.51
C ALA A 147 0.03 20.65 -8.49
N LYS A 148 -0.49 21.80 -8.91
CA LYS A 148 -1.24 22.69 -8.05
C LYS A 148 -2.73 22.61 -8.40
N VAL A 149 -3.56 22.35 -7.39
CA VAL A 149 -5.00 22.23 -7.56
C VAL A 149 -5.67 23.31 -6.71
N GLN A 150 -6.31 24.26 -7.38
CA GLN A 150 -6.99 25.38 -6.74
C GLN A 150 -8.49 25.17 -6.84
N TRP A 151 -9.21 25.47 -5.76
CA TRP A 151 -10.65 25.30 -5.72
C TRP A 151 -11.35 26.64 -5.76
N LYS A 152 -12.39 26.75 -6.58
CA LYS A 152 -13.16 27.97 -6.76
C LYS A 152 -14.64 27.67 -6.56
N VAL A 153 -15.31 28.49 -5.76
CA VAL A 153 -16.74 28.38 -5.52
C VAL A 153 -17.36 29.73 -5.87
N ASP A 154 -18.11 29.77 -6.97
CA ASP A 154 -18.58 31.04 -7.55
C ASP A 154 -17.41 31.98 -7.79
N ASN A 155 -16.30 31.43 -8.26
CA ASN A 155 -15.04 32.12 -8.50
C ASN A 155 -14.44 32.71 -7.22
N ALA A 156 -14.93 32.31 -6.05
CA ALA A 156 -14.31 32.66 -4.78
C ALA A 156 -13.32 31.57 -4.41
N LEU A 157 -12.11 31.97 -4.02
CA LEU A 157 -11.02 31.01 -3.84
C LEU A 157 -11.10 30.38 -2.45
N GLN A 158 -11.05 29.05 -2.42
CA GLN A 158 -11.18 28.28 -1.19
C GLN A 158 -9.80 27.95 -0.61
N SER A 159 -9.80 27.60 0.67
CA SER A 159 -8.59 27.16 1.36
C SER A 159 -8.99 26.49 2.67
N GLY A 160 -8.20 25.51 3.09
CA GLY A 160 -8.41 24.81 4.34
C GLY A 160 -9.53 23.79 4.33
N ASN A 161 -10.31 23.70 3.25
CA ASN A 161 -11.43 22.78 3.17
C ASN A 161 -11.24 21.78 2.04
N SER A 162 -10.00 21.37 1.80
CA SER A 162 -9.70 20.45 0.71
C SER A 162 -8.60 19.48 1.13
N GLN A 163 -8.74 18.24 0.69
CA GLN A 163 -7.73 17.21 0.88
C GLN A 163 -7.28 16.72 -0.49
N GLU A 164 -6.19 15.96 -0.52
CA GLU A 164 -5.72 15.42 -1.79
C GLU A 164 -4.76 14.27 -1.53
N SER A 165 -4.70 13.36 -2.50
CA SER A 165 -3.75 12.26 -2.46
C SER A 165 -3.30 11.97 -3.89
N VAL A 166 -2.16 11.28 -4.00
CA VAL A 166 -1.55 10.98 -5.29
C VAL A 166 -1.25 9.49 -5.36
N THR A 167 -1.54 8.88 -6.51
CA THR A 167 -1.15 7.51 -6.73
C THR A 167 0.37 7.41 -6.91
N CYS A 168 0.88 6.20 -6.90
CA CYS A 168 2.29 6.02 -7.18
C CYS A 168 2.53 5.99 -8.70
N GLN A 169 3.80 5.92 -9.06
CA GLN A 169 4.17 5.94 -10.47
C GLN A 169 3.59 4.72 -11.18
N ASP A 170 2.79 4.98 -12.21
CA ASP A 170 2.09 3.92 -12.93
C ASP A 170 3.09 2.96 -13.56
N SER A 171 2.87 1.67 -13.35
CA SER A 171 3.76 0.62 -13.84
C SER A 171 3.83 0.52 -15.37
N LYS A 172 3.10 1.36 -16.11
CA LYS A 172 3.13 1.27 -17.57
C LYS A 172 3.63 2.53 -18.25
N ASP A 173 3.17 3.72 -17.79
CA ASP A 173 3.55 4.97 -18.43
C ASP A 173 4.24 5.95 -17.49
N CYS A 174 4.61 5.51 -16.29
CA CYS A 174 5.40 6.30 -15.35
C CYS A 174 4.71 7.57 -14.90
N THR A 175 3.39 7.68 -15.07
CA THR A 175 2.68 8.90 -14.71
C THR A 175 2.08 8.79 -13.32
N TYR A 176 1.57 9.91 -12.83
CA TYR A 176 0.88 9.99 -11.56
C TYR A 176 -0.59 10.33 -11.79
N SER A 177 -1.37 10.19 -10.72
CA SER A 177 -2.77 10.62 -10.70
C SER A 177 -3.09 11.16 -9.32
N LEU A 178 -3.79 12.28 -9.28
CA LEU A 178 -4.12 12.98 -8.05
C LEU A 178 -5.63 13.12 -7.91
N SER A 179 -6.11 12.92 -6.69
CA SER A 179 -7.52 13.14 -6.36
C SER A 179 -7.59 14.20 -5.28
N SER A 180 -8.35 15.26 -5.55
CA SER A 180 -8.56 16.35 -4.60
C SER A 180 -10.04 16.40 -4.25
N THR A 181 -10.34 16.53 -2.96
CA THR A 181 -11.72 16.54 -2.48
C THR A 181 -11.97 17.83 -1.72
N LEU A 182 -12.94 18.61 -2.20
CA LEU A 182 -13.40 19.81 -1.53
C LEU A 182 -14.62 19.47 -0.69
N THR A 183 -14.55 19.81 0.60
CA THR A 183 -15.59 19.48 1.58
C THR A 183 -16.26 20.77 2.04
N LEU A 184 -17.56 20.90 1.76
CA LEU A 184 -18.35 22.02 2.25
C LEU A 184 -19.55 21.48 3.01
N SER A 185 -20.18 22.37 3.78
CA SER A 185 -21.46 22.01 4.37
C SER A 185 -22.54 22.05 3.29
N LYS A 186 -23.61 21.27 3.52
CA LYS A 186 -24.68 21.21 2.53
C LYS A 186 -25.32 22.58 2.31
N ALA A 187 -25.39 23.40 3.36
CA ALA A 187 -25.95 24.74 3.23
C ALA A 187 -25.08 25.59 2.29
N ASP A 188 -23.79 25.66 2.57
CA ASP A 188 -22.86 26.39 1.69
C ASP A 188 -22.90 25.86 0.27
N TYR A 189 -23.11 24.55 0.10
CA TYR A 189 -23.19 23.98 -1.23
C TYR A 189 -24.44 24.48 -1.96
N GLU A 190 -25.58 24.45 -1.28
CA GLU A 190 -26.82 24.94 -1.89
C GLU A 190 -26.84 26.46 -2.02
N LYS A 191 -25.89 27.17 -1.42
CA LYS A 191 -25.83 28.62 -1.57
C LYS A 191 -25.26 29.03 -2.92
N HIS A 192 -24.23 28.32 -3.40
CA HIS A 192 -23.51 28.70 -4.60
C HIS A 192 -23.77 27.71 -5.72
N LYS A 193 -23.42 28.11 -6.94
CA LYS A 193 -23.69 27.32 -8.13
C LYS A 193 -22.42 26.89 -8.87
N VAL A 194 -21.52 27.81 -9.16
CA VAL A 194 -20.32 27.49 -9.94
C VAL A 194 -19.28 26.86 -9.02
N TYR A 195 -18.83 25.65 -9.38
CA TYR A 195 -17.76 24.97 -8.65
C TYR A 195 -16.70 24.54 -9.66
N ALA A 196 -15.46 24.97 -9.44
CA ALA A 196 -14.40 24.72 -10.41
C ALA A 196 -13.12 24.29 -9.68
N CYS A 197 -12.30 23.51 -10.38
CA CYS A 197 -10.94 23.24 -9.97
C CYS A 197 -10.00 23.65 -11.08
N GLU A 198 -9.00 24.44 -10.72
CA GLU A 198 -8.00 24.99 -11.63
C GLU A 198 -6.68 24.26 -11.40
N VAL A 199 -6.17 23.62 -12.44
CA VAL A 199 -4.97 22.79 -12.35
C VAL A 199 -3.81 23.53 -13.00
N THR A 200 -2.69 23.61 -12.29
CA THR A 200 -1.45 24.19 -12.77
C THR A 200 -0.38 23.10 -12.76
N HIS A 201 0.09 22.74 -13.94
CA HIS A 201 1.13 21.72 -14.12
C HIS A 201 2.00 22.14 -15.29
N GLN A 202 3.30 21.84 -15.20
CA GLN A 202 4.24 22.31 -16.21
C GLN A 202 4.00 21.70 -17.59
N GLY A 203 3.17 20.65 -17.68
CA GLY A 203 2.77 20.15 -18.99
C GLY A 203 1.73 20.98 -19.68
N LEU A 204 1.08 21.89 -18.94
CA LEU A 204 0.06 22.78 -19.48
C LEU A 204 0.66 24.16 -19.71
N SER A 205 0.42 24.72 -20.88
CA SER A 205 0.87 26.08 -21.16
C SER A 205 0.13 27.10 -20.32
N SER A 206 -1.08 26.77 -19.89
CA SER A 206 -1.90 27.66 -19.07
C SER A 206 -2.74 26.79 -18.14
N PRO A 207 -3.10 27.30 -16.96
CA PRO A 207 -3.91 26.49 -16.03
C PRO A 207 -5.24 26.08 -16.66
N VAL A 208 -5.62 24.83 -16.40
CA VAL A 208 -6.82 24.24 -16.99
C VAL A 208 -7.88 24.15 -15.91
N THR A 209 -9.03 24.77 -16.15
CA THR A 209 -10.11 24.84 -15.16
C THR A 209 -11.28 23.97 -15.61
N LYS A 210 -11.74 23.09 -14.72
CA LYS A 210 -12.93 22.29 -14.96
C LYS A 210 -14.01 22.72 -13.98
N SER A 211 -15.20 23.03 -14.50
CA SER A 211 -16.24 23.64 -13.68
C SER A 211 -17.60 23.00 -13.99
N PHE A 212 -18.47 23.04 -12.99
CA PHE A 212 -19.86 22.63 -13.15
C PHE A 212 -20.76 23.59 -12.38
N ASN A 213 -21.98 23.76 -12.87
CA ASN A 213 -22.98 24.57 -12.20
C ASN A 213 -23.97 23.66 -11.49
N ARG A 214 -24.15 23.89 -10.18
CA ARG A 214 -25.02 23.07 -9.35
C ARG A 214 -26.46 23.07 -9.88
N GLY A 215 -26.89 21.95 -10.45
CA GLY A 215 -28.22 21.83 -11.00
C GLY A 215 -28.27 21.18 -12.37
N VAL B 2 -2.33 -21.23 -4.05
CA VAL B 2 -1.95 -21.26 -2.65
C VAL B 2 -1.81 -19.84 -2.13
N GLN B 3 -2.48 -19.53 -1.02
CA GLN B 3 -2.47 -18.17 -0.50
C GLN B 3 -2.29 -18.19 1.00
N LEU B 4 -1.87 -17.05 1.54
CA LEU B 4 -1.73 -16.85 2.98
C LEU B 4 -2.75 -15.80 3.37
N VAL B 5 -3.98 -16.24 3.67
CA VAL B 5 -5.06 -15.34 4.01
C VAL B 5 -4.86 -14.84 5.44
N GLU B 6 -4.80 -13.53 5.60
CA GLU B 6 -4.57 -12.92 6.91
C GLU B 6 -5.88 -12.36 7.47
N SER B 7 -6.02 -12.47 8.79
CA SER B 7 -7.22 -12.02 9.49
C SER B 7 -6.84 -11.35 10.79
N GLY B 8 -7.45 -10.20 11.05
CA GLY B 8 -7.23 -9.44 12.26
C GLY B 8 -8.41 -8.56 12.59
N PRO B 9 -8.39 -7.95 13.79
CA PRO B 9 -9.55 -7.13 14.21
C PRO B 9 -9.65 -5.79 13.51
N GLY B 10 -8.57 -5.27 12.94
CA GLY B 10 -8.61 -3.98 12.28
C GLY B 10 -8.14 -2.85 13.16
N CYS B 11 -8.99 -2.43 14.10
CA CYS B 11 -8.63 -1.41 15.08
C CYS B 11 -8.76 -2.00 16.48
N VAL B 12 -7.79 -1.70 17.34
CA VAL B 12 -7.82 -2.14 18.73
C VAL B 12 -7.44 -0.96 19.62
N LYS B 13 -7.82 -1.06 20.89
CA LYS B 13 -7.50 -0.02 21.85
C LYS B 13 -6.21 -0.39 22.60
N PRO B 14 -5.52 0.60 23.15
CA PRO B 14 -4.29 0.30 23.89
C PRO B 14 -4.54 -0.66 25.04
N SER B 15 -3.49 -1.44 25.35
CA SER B 15 -3.48 -2.36 26.48
C SER B 15 -4.20 -3.66 26.14
N GLU B 16 -4.90 -3.67 25.01
CA GLU B 16 -5.55 -4.86 24.53
C GLU B 16 -4.52 -5.89 24.06
N THR B 17 -5.02 -7.08 23.76
CA THR B 17 -4.22 -8.15 23.18
C THR B 17 -4.66 -8.34 21.74
N LEU B 18 -3.73 -8.16 20.81
CA LEU B 18 -3.99 -8.30 19.38
C LEU B 18 -3.79 -9.74 18.97
N SER B 19 -4.75 -10.28 18.22
CA SER B 19 -4.72 -11.67 17.76
C SER B 19 -4.88 -11.70 16.24
N LEU B 20 -3.86 -12.21 15.55
CA LEU B 20 -3.86 -12.30 14.09
C LEU B 20 -3.71 -13.75 13.67
N THR B 21 -4.38 -14.10 12.57
CA THR B 21 -4.31 -15.43 12.01
C THR B 21 -3.84 -15.37 10.55
N CYS B 22 -3.06 -16.38 10.18
CA CYS B 22 -2.53 -16.55 8.82
C CYS B 22 -2.90 -17.97 8.40
N THR B 23 -3.93 -18.10 7.59
CA THR B 23 -4.42 -19.40 7.15
C THR B 23 -3.87 -19.72 5.78
N VAL B 24 -3.37 -20.95 5.62
CA VAL B 24 -2.83 -21.42 4.35
C VAL B 24 -4.01 -21.92 3.53
N SER B 25 -4.47 -21.12 2.58
CA SER B 25 -5.46 -21.57 1.61
C SER B 25 -4.76 -22.43 0.57
N ARG B 26 -5.34 -23.60 0.29
N ARG B 26 -5.33 -23.61 0.31
CA ARG B 26 -4.82 -24.62 -0.60
CA ARG B 26 -4.80 -24.61 -0.63
C ARG B 26 -3.59 -25.30 0.00
C ARG B 26 -3.52 -25.26 -0.09
N PHE B 27 -3.35 -26.55 -0.36
CA PHE B 27 -2.18 -27.29 0.08
C PHE B 27 -1.06 -27.13 -0.93
N SER B 28 0.17 -27.05 -0.42
CA SER B 28 1.33 -26.84 -1.27
C SER B 28 2.51 -27.69 -0.83
N LEU B 29 3.59 -27.03 -0.40
CA LEU B 29 4.78 -27.73 0.04
C LEU B 29 4.52 -28.47 1.35
N ILE B 30 5.44 -29.37 1.69
CA ILE B 30 5.29 -30.20 2.89
C ILE B 30 5.84 -29.43 4.09
N GLY B 31 7.16 -29.23 4.11
CA GLY B 31 7.80 -28.60 5.24
C GLY B 31 8.11 -27.13 5.03
N TYR B 32 7.07 -26.29 5.00
CA TYR B 32 7.24 -24.86 4.90
C TYR B 32 7.16 -24.21 6.28
N ALA B 33 7.86 -23.09 6.41
CA ALA B 33 7.87 -22.32 7.66
C ALA B 33 7.12 -21.00 7.44
N ILE B 34 6.66 -20.42 8.55
CA ILE B 34 5.87 -19.19 8.48
C ILE B 34 6.45 -18.16 9.44
N THR B 35 6.79 -16.99 8.92
CA THR B 35 7.35 -15.92 9.73
C THR B 35 6.42 -14.71 9.69
N TRP B 36 6.44 -13.95 10.78
CA TRP B 36 5.65 -12.74 10.92
C TRP B 36 6.57 -11.52 10.88
N ILE B 37 6.28 -10.60 9.97
CA ILE B 37 6.94 -9.32 9.81
C ILE B 37 5.90 -8.24 10.02
N ARG B 38 6.33 -7.03 10.39
CA ARG B 38 5.41 -5.91 10.47
C ARG B 38 6.07 -4.66 9.89
N GLN B 39 5.23 -3.77 9.36
CA GLN B 39 5.69 -2.54 8.73
C GLN B 39 4.90 -1.37 9.31
N PRO B 40 5.50 -0.57 10.17
CA PRO B 40 4.83 0.64 10.66
C PRO B 40 4.62 1.63 9.53
N PRO B 41 3.69 2.56 9.69
CA PRO B 41 3.41 3.51 8.60
C PRO B 41 4.64 4.32 8.20
N GLY B 42 4.96 4.29 6.91
CA GLY B 42 6.09 5.05 6.40
C GLY B 42 7.44 4.59 6.90
N LYS B 43 7.58 3.31 7.27
CA LYS B 43 8.83 2.78 7.77
C LYS B 43 9.12 1.44 7.09
N GLY B 44 10.23 0.83 7.48
CA GLY B 44 10.71 -0.39 6.85
C GLY B 44 10.10 -1.65 7.45
N LEU B 45 10.64 -2.78 7.02
CA LEU B 45 10.15 -4.08 7.46
C LEU B 45 10.85 -4.49 8.75
N GLU B 46 10.06 -5.02 9.69
CA GLU B 46 10.56 -5.39 11.01
C GLU B 46 10.14 -6.81 11.32
N TRP B 47 11.14 -7.68 11.53
CA TRP B 47 10.85 -9.09 11.80
C TRP B 47 10.29 -9.26 13.20
N ILE B 48 9.11 -9.87 13.28
CA ILE B 48 8.48 -10.17 14.57
C ILE B 48 8.94 -11.55 15.02
N GLY B 49 8.67 -12.57 14.23
CA GLY B 49 9.03 -13.91 14.65
C GLY B 49 8.89 -14.92 13.54
N GLY B 50 8.91 -16.19 13.93
CA GLY B 50 8.80 -17.27 12.95
C GLY B 50 8.55 -18.60 13.62
N ILE B 51 8.09 -19.55 12.81
CA ILE B 51 7.87 -20.93 13.23
C ILE B 51 8.26 -21.85 12.08
N SER B 52 9.11 -22.82 12.38
CA SER B 52 9.74 -23.67 11.36
C SER B 52 8.86 -24.87 11.04
N SER B 53 9.36 -25.73 10.14
CA SER B 53 8.62 -26.93 9.76
C SER B 53 8.52 -27.95 10.88
N ALA B 54 9.41 -27.88 11.87
CA ALA B 54 9.34 -28.74 13.05
C ALA B 54 8.71 -28.02 14.24
N ALA B 55 7.96 -26.95 13.97
CA ALA B 55 7.26 -26.12 14.95
C ALA B 55 8.20 -25.35 15.87
N THR B 56 9.49 -25.30 15.56
CA THR B 56 10.43 -24.53 16.36
C THR B 56 10.14 -23.04 16.19
N THR B 57 9.80 -22.36 17.29
CA THR B 57 9.35 -20.99 17.27
C THR B 57 10.48 -20.06 17.68
N PHE B 58 10.81 -19.10 16.82
CA PHE B 58 11.81 -18.09 17.10
C PHE B 58 11.15 -16.73 17.23
N TYR B 59 11.70 -15.90 18.13
CA TYR B 59 11.19 -14.56 18.38
C TYR B 59 12.34 -13.57 18.27
N SER B 60 12.06 -12.43 17.66
CA SER B 60 13.03 -11.33 17.64
C SER B 60 13.25 -10.82 19.05
N SER B 61 14.35 -10.09 19.24
CA SER B 61 14.76 -9.66 20.58
C SER B 61 13.67 -8.84 21.26
N TRP B 62 13.01 -7.95 20.52
CA TRP B 62 11.97 -7.11 21.11
C TRP B 62 10.66 -7.85 21.32
N ALA B 63 10.44 -8.96 20.60
CA ALA B 63 9.17 -9.69 20.66
C ALA B 63 9.16 -10.79 21.71
N LYS B 64 10.30 -11.11 22.33
CA LYS B 64 10.37 -12.25 23.23
C LYS B 64 9.44 -12.08 24.44
N SER B 65 9.21 -10.84 24.86
CA SER B 65 8.47 -10.57 26.09
C SER B 65 7.01 -10.19 25.87
N ARG B 66 6.51 -10.27 24.64
CA ARG B 66 5.15 -9.84 24.40
C ARG B 66 4.50 -10.46 23.16
N VAL B 67 5.12 -11.43 22.51
CA VAL B 67 4.56 -12.08 21.34
C VAL B 67 4.54 -13.59 21.56
N THR B 68 3.43 -14.21 21.14
CA THR B 68 3.28 -15.66 21.15
C THR B 68 2.89 -16.11 19.75
N ILE B 69 3.66 -17.04 19.19
CA ILE B 69 3.41 -17.57 17.86
C ILE B 69 3.17 -19.07 17.97
N SER B 70 2.11 -19.55 17.31
CA SER B 70 1.76 -20.95 17.38
C SER B 70 1.10 -21.40 16.08
N VAL B 71 0.81 -22.70 16.01
CA VAL B 71 0.18 -23.32 14.84
C VAL B 71 -1.02 -24.13 15.31
N ASP B 72 -2.08 -24.10 14.50
CA ASP B 72 -3.21 -25.03 14.59
C ASP B 72 -3.18 -25.81 13.28
N THR B 73 -2.68 -27.04 13.35
CA THR B 73 -2.50 -27.85 12.15
C THR B 73 -3.83 -28.34 11.59
N SER B 74 -4.83 -28.57 12.46
CA SER B 74 -6.14 -29.00 12.00
C SER B 74 -6.82 -27.93 11.14
N LYS B 75 -6.41 -26.67 11.28
CA LYS B 75 -6.96 -25.59 10.46
C LYS B 75 -5.95 -25.02 9.48
N ASN B 76 -4.70 -25.48 9.51
CA ASN B 76 -3.60 -24.87 8.74
C ASN B 76 -3.53 -23.38 9.04
N GLN B 77 -3.60 -23.04 10.32
CA GLN B 77 -3.77 -21.65 10.75
C GLN B 77 -2.66 -21.27 11.72
N PHE B 78 -1.84 -20.30 11.35
CA PHE B 78 -0.78 -19.82 12.22
C PHE B 78 -1.27 -18.60 12.99
N SER B 79 -0.93 -18.54 14.28
CA SER B 79 -1.48 -17.55 15.19
C SER B 79 -0.38 -16.69 15.78
N LEU B 80 -0.59 -15.36 15.76
CA LEU B 80 0.30 -14.40 16.40
C LEU B 80 -0.50 -13.57 17.40
N LYS B 81 -0.05 -13.56 18.65
CA LYS B 81 -0.68 -12.77 19.70
C LYS B 81 0.33 -11.77 20.25
N LEU B 82 -0.06 -10.49 20.27
CA LEU B 82 0.78 -9.39 20.77
C LEU B 82 0.07 -8.74 21.95
N SER B 83 0.68 -8.82 23.12
CA SER B 83 0.06 -8.38 24.36
C SER B 83 0.41 -6.94 24.70
N SER B 84 -0.51 -6.27 25.40
CA SER B 84 -0.31 -4.92 25.92
C SER B 84 0.12 -3.96 24.82
N VAL B 85 -0.72 -3.87 23.79
CA VAL B 85 -0.39 -3.07 22.61
C VAL B 85 -0.52 -1.58 22.95
N THR B 86 0.35 -0.79 22.33
CA THR B 86 0.28 0.67 22.36
C THR B 86 0.21 1.18 20.92
N ALA B 87 0.14 2.51 20.78
CA ALA B 87 0.04 3.10 19.45
C ALA B 87 1.26 2.78 18.59
N ALA B 88 2.40 2.49 19.23
CA ALA B 88 3.61 2.13 18.50
C ALA B 88 3.49 0.78 17.80
N ASP B 89 2.48 -0.02 18.14
CA ASP B 89 2.24 -1.30 17.46
C ASP B 89 1.34 -1.15 16.25
N THR B 90 0.90 0.07 15.93
CA THR B 90 0.14 0.30 14.70
C THR B 90 1.01 0.02 13.49
N ALA B 91 0.58 -0.91 12.65
CA ALA B 91 1.39 -1.32 11.52
C ALA B 91 0.56 -2.25 10.62
N VAL B 92 1.11 -2.52 9.44
CA VAL B 92 0.60 -3.58 8.58
C VAL B 92 1.40 -4.84 8.88
N TYR B 93 0.70 -5.90 9.28
CA TYR B 93 1.35 -7.15 9.67
C TYR B 93 1.26 -8.14 8.51
N TYR B 94 2.41 -8.71 8.15
CA TYR B 94 2.50 -9.71 7.09
C TYR B 94 2.93 -11.04 7.68
N CYS B 95 2.39 -12.13 7.11
CA CYS B 95 2.96 -13.45 7.26
C CYS B 95 3.56 -13.88 5.93
N ALA B 96 4.64 -14.65 6.01
CA ALA B 96 5.35 -15.07 4.81
C ALA B 96 5.87 -16.49 5.00
N ARG B 97 6.07 -17.18 3.88
CA ARG B 97 6.46 -18.59 3.88
C ARG B 97 7.91 -18.73 3.46
N ASP B 98 8.67 -19.50 4.25
CA ASP B 98 9.98 -19.97 3.85
C ASP B 98 9.84 -21.38 3.32
N PRO B 99 10.14 -21.62 2.04
CA PRO B 99 9.98 -22.98 1.48
C PRO B 99 11.01 -23.97 2.00
N ARG B 100 12.10 -23.51 2.60
CA ARG B 100 13.10 -24.40 3.16
C ARG B 100 12.72 -24.93 4.53
N GLY B 101 11.73 -24.34 5.18
CA GLY B 101 11.34 -24.72 6.52
C GLY B 101 12.05 -23.98 7.62
N TYR B 102 12.77 -22.90 7.31
CA TYR B 102 13.54 -22.18 8.31
C TYR B 102 12.63 -21.24 9.09
N GLY B 103 12.65 -21.38 10.41
CA GLY B 103 11.87 -20.53 11.29
C GLY B 103 12.53 -19.22 11.68
N ALA B 104 13.78 -19.01 11.28
CA ALA B 104 14.51 -17.80 11.62
C ALA B 104 15.36 -17.35 10.43
N ALA B 105 14.73 -17.26 9.26
CA ALA B 105 15.41 -16.82 8.05
C ALA B 105 14.52 -15.84 7.30
N LEU B 106 15.11 -14.73 6.85
CA LEU B 106 14.37 -13.70 6.12
C LEU B 106 14.82 -13.57 4.67
N ASP B 107 15.78 -14.39 4.22
CA ASP B 107 16.39 -14.23 2.91
C ASP B 107 15.64 -14.93 1.79
N ARG B 108 14.60 -15.72 2.11
CA ARG B 108 13.90 -16.48 1.07
C ARG B 108 12.44 -16.65 1.49
N LEU B 109 11.70 -15.54 1.54
CA LEU B 109 10.26 -15.57 1.79
C LEU B 109 9.58 -15.48 0.43
N ASP B 110 9.19 -16.64 -0.11
CA ASP B 110 8.73 -16.74 -1.48
C ASP B 110 7.23 -16.53 -1.64
N LEU B 111 6.48 -16.43 -0.56
CA LEU B 111 5.03 -16.26 -0.64
C LEU B 111 4.57 -15.44 0.55
N TRP B 112 3.93 -14.30 0.27
CA TRP B 112 3.48 -13.40 1.32
C TRP B 112 1.96 -13.33 1.35
N GLY B 113 1.43 -13.10 2.54
CA GLY B 113 0.06 -12.64 2.64
C GLY B 113 -0.06 -11.18 2.26
N GLN B 114 -1.28 -10.78 1.90
CA GLN B 114 -1.51 -9.40 1.49
C GLN B 114 -1.36 -8.42 2.65
N GLY B 115 -1.29 -8.90 3.88
CA GLY B 115 -1.12 -8.05 5.05
C GLY B 115 -2.44 -7.67 5.66
N THR B 116 -2.43 -7.47 6.98
CA THR B 116 -3.60 -7.01 7.71
C THR B 116 -3.23 -5.76 8.49
N CYS B 117 -4.08 -4.74 8.42
CA CYS B 117 -3.82 -3.49 9.10
C CYS B 117 -4.18 -3.60 10.57
N VAL B 118 -3.39 -2.95 11.43
CA VAL B 118 -3.67 -2.84 12.85
C VAL B 118 -3.43 -1.41 13.28
N THR B 119 -4.50 -0.74 13.72
CA THR B 119 -4.42 0.60 14.27
C THR B 119 -4.75 0.52 15.76
N VAL B 120 -3.81 0.94 16.60
CA VAL B 120 -4.00 0.96 18.04
C VAL B 120 -4.32 2.39 18.44
N SER B 121 -5.58 2.64 18.78
CA SER B 121 -6.01 3.96 19.22
C SER B 121 -7.25 3.80 20.08
N SER B 122 -7.56 4.86 20.82
CA SER B 122 -8.76 4.90 21.65
C SER B 122 -9.99 5.41 20.90
N PHE B 123 -9.83 5.89 19.67
CA PHE B 123 -10.95 6.44 18.92
C PHE B 123 -11.84 5.31 18.41
N SER B 124 -13.13 5.62 18.28
CA SER B 124 -14.14 4.61 17.98
C SER B 124 -14.16 4.26 16.50
N THR B 125 -14.60 3.03 16.21
CA THR B 125 -14.77 2.59 14.83
C THR B 125 -16.01 3.22 14.23
N LYS B 126 -15.88 3.71 12.99
CA LYS B 126 -17.01 4.29 12.27
C LYS B 126 -17.04 3.76 10.85
N GLY B 127 -18.23 3.40 10.39
CA GLY B 127 -18.40 2.91 9.04
C GLY B 127 -18.52 4.02 8.02
N PRO B 128 -18.02 3.77 6.82
CA PRO B 128 -18.02 4.81 5.78
C PRO B 128 -19.32 4.87 5.00
N SER B 129 -19.51 6.02 4.35
CA SER B 129 -20.56 6.18 3.36
C SER B 129 -19.94 6.17 1.96
N VAL B 130 -20.60 5.50 1.03
CA VAL B 130 -20.10 5.32 -0.32
C VAL B 130 -20.87 6.25 -1.25
N CYS B 131 -20.16 7.21 -1.83
CA CYS B 131 -20.77 8.21 -2.70
C CYS B 131 -20.40 7.92 -4.15
N PRO B 132 -21.36 7.71 -5.03
CA PRO B 132 -21.03 7.60 -6.46
C PRO B 132 -20.50 8.92 -7.00
N LEU B 133 -19.68 8.81 -8.05
CA LEU B 133 -19.10 9.98 -8.71
C LEU B 133 -19.19 9.75 -10.20
N ALA B 134 -20.10 10.46 -10.86
CA ALA B 134 -20.30 10.31 -12.30
C ALA B 134 -19.75 11.51 -13.06
N GLY B 143 -14.34 10.69 -26.04
CA GLY B 143 -14.29 9.25 -26.24
C GLY B 143 -13.91 8.49 -24.99
N THR B 144 -13.66 9.21 -23.90
CA THR B 144 -13.23 8.61 -22.64
C THR B 144 -13.61 9.55 -21.51
N ALA B 145 -14.17 8.99 -20.44
CA ALA B 145 -14.63 9.79 -19.32
C ALA B 145 -14.32 9.09 -18.00
N CYS B 146 -14.23 9.88 -16.94
CA CYS B 146 -13.92 9.36 -15.62
C CYS B 146 -15.21 9.04 -14.85
N LEU B 147 -15.10 8.08 -13.93
CA LEU B 147 -16.14 7.85 -12.94
C LEU B 147 -15.48 7.20 -11.74
N GLY B 148 -16.24 7.00 -10.67
CA GLY B 148 -15.67 6.33 -9.52
C GLY B 148 -16.58 6.38 -8.31
N CYS B 149 -15.95 6.09 -7.16
CA CYS B 149 -16.63 6.03 -5.88
C CYS B 149 -15.77 6.66 -4.80
N LEU B 150 -16.44 7.24 -3.81
CA LEU B 150 -15.79 7.92 -2.69
C LEU B 150 -16.22 7.23 -1.39
N VAL B 151 -15.27 6.59 -0.72
CA VAL B 151 -15.49 5.97 0.57
C VAL B 151 -15.14 6.99 1.63
N LYS B 152 -16.13 7.51 2.34
CA LYS B 152 -15.95 8.71 3.14
C LYS B 152 -16.28 8.48 4.62
N ASP B 153 -15.51 9.14 5.49
CA ASP B 153 -15.85 9.31 6.90
C ASP B 153 -15.87 7.97 7.64
N TYR B 154 -14.71 7.32 7.74
CA TYR B 154 -14.61 6.04 8.41
C TYR B 154 -13.33 6.00 9.24
N PHE B 155 -13.31 5.03 10.15
CA PHE B 155 -12.17 4.80 11.04
C PHE B 155 -12.29 3.38 11.59
N CYS B 156 -11.17 2.66 11.65
CA CYS B 156 -9.83 3.10 11.26
C CYS B 156 -9.60 2.99 9.75
N GLU B 157 -8.35 3.18 9.32
CA GLU B 157 -8.07 3.31 7.90
C GLU B 157 -8.33 2.01 7.14
N CYS B 158 -7.67 0.94 7.54
CA CYS B 158 -7.80 -0.35 6.85
C CYS B 158 -7.90 -1.46 7.89
N PRO B 159 -8.29 -2.70 7.52
CA PRO B 159 -8.61 -3.25 6.18
C PRO B 159 -9.77 -2.58 5.47
N VAL B 160 -9.54 -2.13 4.24
CA VAL B 160 -10.59 -1.57 3.39
C VAL B 160 -10.33 -2.03 1.96
N THR B 161 -11.38 -2.49 1.28
CA THR B 161 -11.28 -3.05 -0.05
C THR B 161 -12.22 -2.32 -0.99
N VAL B 162 -11.71 -1.93 -2.16
CA VAL B 162 -12.51 -1.30 -3.21
C VAL B 162 -12.23 -2.04 -4.50
N SER B 163 -13.21 -2.78 -4.99
CA SER B 163 -13.14 -3.47 -6.26
C SER B 163 -14.15 -2.88 -7.24
N TRP B 164 -13.99 -3.21 -8.51
CA TRP B 164 -14.89 -2.73 -9.56
C TRP B 164 -15.44 -3.91 -10.35
N ASN B 165 -16.77 -3.98 -10.45
CA ASN B 165 -17.46 -5.08 -11.12
C ASN B 165 -17.03 -6.43 -10.55
N SER B 166 -16.80 -6.46 -9.24
CA SER B 166 -16.38 -7.66 -8.53
C SER B 166 -15.07 -8.21 -9.09
N GLY B 167 -14.19 -7.29 -9.52
CA GLY B 167 -12.89 -7.63 -10.02
C GLY B 167 -12.78 -7.68 -11.54
N ALA B 168 -13.90 -7.56 -12.26
CA ALA B 168 -13.84 -7.61 -13.72
C ALA B 168 -13.15 -6.39 -14.30
N LEU B 169 -13.40 -5.22 -13.72
CA LEU B 169 -12.82 -3.97 -14.20
C LEU B 169 -11.48 -3.76 -13.51
N THR B 170 -10.40 -3.83 -14.28
CA THR B 170 -9.05 -3.73 -13.74
C THR B 170 -8.21 -2.64 -14.39
N SER B 171 -8.33 -2.47 -15.70
CA SER B 171 -7.53 -1.48 -16.41
C SER B 171 -8.07 -0.08 -16.17
N GLY B 172 -7.16 0.88 -16.01
CA GLY B 172 -7.51 2.26 -15.76
C GLY B 172 -8.00 2.55 -14.36
N VAL B 173 -8.03 1.57 -13.47
CA VAL B 173 -8.55 1.74 -12.12
C VAL B 173 -7.43 2.24 -11.23
N HIS B 174 -7.62 3.44 -10.68
CA HIS B 174 -6.68 4.04 -9.72
C HIS B 174 -7.42 4.21 -8.40
N THR B 175 -7.01 3.46 -7.39
CA THR B 175 -7.53 3.61 -6.03
C THR B 175 -6.52 4.44 -5.24
N PHE B 176 -6.97 5.61 -4.78
CA PHE B 176 -6.07 6.57 -4.16
C PHE B 176 -5.81 6.21 -2.69
N PRO B 177 -4.67 6.61 -2.16
CA PRO B 177 -4.43 6.44 -0.72
C PRO B 177 -5.41 7.27 0.09
N ALA B 178 -5.83 6.71 1.23
CA ALA B 178 -6.77 7.40 2.10
C ALA B 178 -6.11 8.63 2.74
N VAL B 179 -6.93 9.66 2.95
CA VAL B 179 -6.47 10.90 3.56
C VAL B 179 -7.22 11.10 4.86
N LEU B 180 -6.55 11.69 5.85
CA LEU B 180 -7.15 11.99 7.14
C LEU B 180 -7.70 13.40 7.12
N GLN B 181 -9.02 13.54 7.22
CA GLN B 181 -9.69 14.82 7.11
C GLN B 181 -9.66 15.56 8.44
N SER B 182 -10.11 16.82 8.40
CA SER B 182 -10.27 17.61 9.61
C SER B 182 -11.36 17.05 10.52
N SER B 183 -12.26 16.24 9.98
CA SER B 183 -13.25 15.55 10.79
C SER B 183 -12.64 14.42 11.61
N GLY B 184 -11.36 14.10 11.40
CA GLY B 184 -10.71 13.01 12.08
C GLY B 184 -10.95 11.65 11.47
N LEU B 185 -11.80 11.55 10.45
CA LEU B 185 -12.07 10.32 9.74
C LEU B 185 -11.20 10.23 8.50
N TYR B 186 -11.31 9.11 7.79
CA TYR B 186 -10.55 8.88 6.57
C TYR B 186 -11.45 8.92 5.34
N SER B 187 -10.88 9.34 4.22
CA SER B 187 -11.59 9.39 2.95
C SER B 187 -10.70 8.83 1.87
N LEU B 188 -11.21 7.84 1.14
CA LEU B 188 -10.53 7.22 0.01
C LEU B 188 -11.38 7.42 -1.23
N SER B 189 -10.73 7.43 -2.39
CA SER B 189 -11.44 7.59 -3.65
C SER B 189 -10.85 6.64 -4.68
N SER B 190 -11.71 5.92 -5.38
CA SER B 190 -11.30 5.06 -6.47
C SER B 190 -11.95 5.55 -7.76
N VAL B 191 -11.15 5.67 -8.81
CA VAL B 191 -11.65 6.19 -10.09
C VAL B 191 -11.22 5.26 -11.21
N VAL B 192 -12.11 5.08 -12.18
CA VAL B 192 -11.80 4.38 -13.41
C VAL B 192 -12.17 5.26 -14.59
N THR B 193 -11.29 5.33 -15.58
CA THR B 193 -11.53 6.05 -16.82
C THR B 193 -11.91 5.05 -17.90
N VAL B 194 -13.12 5.20 -18.43
CA VAL B 194 -13.68 4.21 -19.36
C VAL B 194 -14.03 4.87 -20.70
N PRO B 195 -14.02 4.14 -21.82
CA PRO B 195 -14.44 4.73 -23.08
C PRO B 195 -15.89 5.20 -23.02
N SER B 196 -16.13 6.41 -23.50
CA SER B 196 -17.47 6.98 -23.48
C SER B 196 -18.36 6.33 -24.53
N THR B 203 -22.62 -1.46 -17.14
CA THR B 203 -22.74 -1.68 -15.70
C THR B 203 -21.41 -1.42 -14.99
N TYR B 204 -21.40 -0.44 -14.10
CA TYR B 204 -20.22 -0.10 -13.30
C TYR B 204 -20.62 -0.04 -11.83
N ILE B 205 -20.18 -1.03 -11.06
CA ILE B 205 -20.48 -1.13 -9.64
C ILE B 205 -19.16 -1.22 -8.87
N CYS B 206 -19.02 -0.39 -7.85
CA CYS B 206 -17.89 -0.45 -6.93
C CYS B 206 -18.29 -1.22 -5.68
N ASN B 207 -17.47 -2.19 -5.30
CA ASN B 207 -17.70 -3.01 -4.12
C ASN B 207 -16.72 -2.54 -3.04
N VAL B 208 -17.27 -1.98 -1.96
CA VAL B 208 -16.50 -1.46 -0.85
C VAL B 208 -16.74 -2.34 0.37
N ASN B 209 -15.65 -2.69 1.05
CA ASN B 209 -15.70 -3.59 2.21
C ASN B 209 -14.78 -3.02 3.27
N HIS B 210 -15.37 -2.48 4.34
CA HIS B 210 -14.64 -2.02 5.51
C HIS B 210 -14.89 -3.04 6.62
N LYS B 211 -13.93 -3.93 6.83
CA LYS B 211 -14.07 -4.96 7.85
C LYS B 211 -14.24 -4.41 9.27
N PRO B 212 -13.43 -3.43 9.73
CA PRO B 212 -13.57 -2.98 11.14
C PRO B 212 -14.97 -2.54 11.51
N SER B 213 -15.77 -2.05 10.56
CA SER B 213 -17.15 -1.68 10.82
C SER B 213 -18.14 -2.63 10.19
N ASN B 214 -17.68 -3.71 9.55
CA ASN B 214 -18.54 -4.68 8.88
C ASN B 214 -19.45 -3.98 7.87
N THR B 215 -18.86 -3.11 7.06
CA THR B 215 -19.60 -2.34 6.06
C THR B 215 -19.33 -2.92 4.68
N LYS B 216 -20.33 -3.57 4.10
CA LYS B 216 -20.22 -4.20 2.79
C LYS B 216 -21.25 -3.57 1.87
N VAL B 217 -20.80 -2.70 0.96
CA VAL B 217 -21.72 -1.91 0.13
C VAL B 217 -21.27 -1.99 -1.33
N ASP B 218 -22.21 -2.32 -2.21
CA ASP B 218 -21.98 -2.32 -3.65
C ASP B 218 -22.80 -1.18 -4.25
N LYS B 219 -22.12 -0.11 -4.68
CA LYS B 219 -22.76 1.08 -5.21
C LYS B 219 -22.51 1.16 -6.71
N LYS B 220 -23.58 1.34 -7.48
CA LYS B 220 -23.50 1.41 -8.93
C LYS B 220 -23.43 2.86 -9.38
N VAL B 221 -22.51 3.16 -10.30
CA VAL B 221 -22.35 4.50 -10.84
C VAL B 221 -22.79 4.53 -12.30
#